data_2NP3
#
_entry.id   2NP3
#
_cell.length_a   47.431
_cell.length_b   92.768
_cell.length_c   93.938
_cell.angle_alpha   90.00
_cell.angle_beta   90.00
_cell.angle_gamma   90.00
#
_symmetry.space_group_name_H-M   'P 21 21 21'
#
loop_
_entity.id
_entity.type
_entity.pdbx_description
1 polymer 'Putative TetR-family regulator'
2 water water
#
_entity_poly.entity_id   1
_entity_poly.type   'polypeptide(L)'
_entity_poly.pdbx_seq_one_letter_code
;(MSE)TGQAAGPAAGPAAGQATKHAGGRRPGETRTREAILTAARVCFAERGFDATSLRRIAETAGVDQSLVHHFYGTKEN
LFLQALELPGKIEEAITAAAQGGLDGIGERVVRAHLSVWDDVSSRPAL(MSE)T(MSE)VRSAAIHRAAAARLRETATGI
LARALGGVITGEDA(MSE)LRTS(MSE)VATQLVGLA(MSE)(MSE)RYVAHLEPLASADTDTVARHYGRAVQAIVTDRD
;
_entity_poly.pdbx_strand_id   A,B
#
# COMPACT_ATOMS: atom_id res chain seq x y z
N ILE A 35 30.60 11.29 12.22
CA ILE A 35 30.37 10.21 11.18
C ILE A 35 28.86 10.09 10.92
N LEU A 36 28.16 9.49 11.89
CA LEU A 36 26.70 9.39 11.75
C LEU A 36 26.12 10.80 11.47
N THR A 37 26.60 11.80 12.23
CA THR A 37 26.15 13.20 12.06
C THR A 37 26.25 13.63 10.59
N ALA A 38 27.46 13.47 10.01
CA ALA A 38 27.72 13.88 8.61
C ALA A 38 26.94 13.03 7.61
N ALA A 39 27.03 11.70 7.76
CA ALA A 39 26.13 10.76 7.10
C ALA A 39 24.71 11.34 6.99
N ARG A 40 24.15 11.72 8.14
CA ARG A 40 22.81 12.28 8.20
C ARG A 40 22.68 13.53 7.34
N VAL A 41 23.63 14.46 7.48
CA VAL A 41 23.61 15.72 6.70
C VAL A 41 23.77 15.47 5.18
N CYS A 42 24.69 14.57 4.84
CA CYS A 42 24.88 14.09 3.48
C CYS A 42 23.67 13.29 2.96
N PHE A 43 23.45 12.09 3.61
CA PHE A 43 22.28 11.28 3.27
C PHE A 43 21.01 12.14 3.36
N TYR A 71 31.54 0.40 11.04
CA TYR A 71 31.97 0.09 9.67
C TYR A 71 30.75 -0.28 8.79
N GLY A 72 30.96 -1.30 7.94
CA GLY A 72 29.93 -1.75 7.00
C GLY A 72 30.20 -1.27 5.58
N THR A 73 29.11 -0.98 4.86
CA THR A 73 29.13 -0.28 3.55
C THR A 73 28.19 0.93 3.56
N LYS A 74 28.20 1.71 2.48
CA LYS A 74 27.31 2.87 2.30
C LYS A 74 25.82 2.58 2.61
N GLU A 75 25.42 1.31 2.59
CA GLU A 75 24.08 0.91 3.01
C GLU A 75 23.98 0.60 4.51
N ASN A 76 25.05 0.06 5.12
CA ASN A 76 25.09 -0.06 6.61
C ASN A 76 25.32 1.29 7.32
N LEU A 77 26.26 2.11 6.82
CA LEU A 77 26.34 3.52 7.24
C LEU A 77 24.99 4.24 7.04
N PHE A 78 24.21 3.78 6.07
CA PHE A 78 22.88 4.31 5.83
C PHE A 78 21.83 3.90 6.91
N LEU A 79 21.71 2.59 7.21
CA LEU A 79 20.76 2.08 8.21
C LEU A 79 21.08 2.55 9.64
N GLN A 80 22.38 2.60 9.93
CA GLN A 80 22.90 3.06 11.23
C GLN A 80 22.48 4.50 11.54
N ALA A 81 22.90 5.44 10.68
CA ALA A 81 22.52 6.86 10.72
C ALA A 81 21.02 7.05 10.59
N LEU A 82 20.36 6.10 9.94
CA LEU A 82 18.94 6.15 9.77
C LEU A 82 18.21 5.96 11.11
N GLU A 83 18.84 5.28 12.07
CA GLU A 83 18.31 5.08 13.43
C GLU A 83 17.07 4.16 13.51
N LEU A 84 16.17 4.35 12.57
CA LEU A 84 14.89 3.62 12.50
C LEU A 84 14.93 2.10 12.66
N PRO A 85 15.81 1.38 11.93
CA PRO A 85 15.88 -0.07 12.11
C PRO A 85 16.11 -0.56 13.56
N GLY A 86 17.12 -0.04 14.24
CA GLY A 86 17.41 -0.45 15.62
C GLY A 86 16.31 0.01 16.55
N LYS A 87 15.70 1.17 16.27
CA LYS A 87 14.57 1.60 17.09
C LYS A 87 13.35 0.68 17.00
N ILE A 88 12.92 0.32 15.78
CA ILE A 88 11.76 -0.57 15.57
C ILE A 88 11.98 -1.96 16.21
N GLU A 89 13.14 -2.54 15.97
CA GLU A 89 13.56 -3.78 16.63
C GLU A 89 13.45 -3.61 18.15
N GLU A 90 13.99 -2.52 18.67
CA GLU A 90 13.99 -2.35 20.12
C GLU A 90 12.58 -2.34 20.66
N ALA A 91 11.72 -1.53 20.02
CA ALA A 91 10.34 -1.32 20.48
C ALA A 91 9.33 -2.42 20.15
N ILE A 92 9.40 -3.06 19.01
CA ILE A 92 8.44 -4.15 18.79
C ILE A 92 8.82 -5.40 19.65
N THR A 93 10.10 -5.61 19.91
CA THR A 93 10.50 -6.68 20.81
C THR A 93 9.90 -6.52 22.22
N ALA A 94 10.07 -5.34 22.83
CA ALA A 94 9.33 -5.03 24.05
C ALA A 94 7.80 -5.21 23.88
N ALA A 95 7.22 -4.62 22.85
CA ALA A 95 5.76 -4.64 22.70
C ALA A 95 5.13 -6.08 22.68
N ALA A 96 5.85 -7.00 22.03
CA ALA A 96 5.49 -8.39 21.87
C ALA A 96 5.60 -9.32 23.11
N GLN A 97 6.04 -8.81 24.27
CA GLN A 97 6.12 -9.59 25.50
C GLN A 97 4.87 -9.33 26.35
N GLY A 98 4.46 -10.32 27.16
CA GLY A 98 3.17 -10.21 27.87
C GLY A 98 2.00 -10.80 27.08
N GLY A 99 0.78 -10.62 27.61
CA GLY A 99 -0.42 -11.33 27.09
C GLY A 99 -0.89 -11.09 25.65
N LEU A 100 -1.57 -12.09 25.07
CA LEU A 100 -2.20 -11.96 23.75
C LEU A 100 -3.33 -10.90 23.76
N ASP A 101 -4.02 -10.77 24.89
CA ASP A 101 -4.95 -9.67 25.10
C ASP A 101 -4.16 -8.37 25.05
N GLY A 102 -4.60 -7.47 24.19
CA GLY A 102 -3.96 -6.17 23.98
C GLY A 102 -2.68 -6.13 23.16
N ILE A 103 -2.19 -7.25 22.66
CA ILE A 103 -0.91 -7.19 21.92
C ILE A 103 -0.97 -6.45 20.57
N GLY A 104 -2.13 -6.42 19.92
CA GLY A 104 -2.30 -5.71 18.63
C GLY A 104 -2.08 -4.22 18.80
N GLU A 105 -2.71 -3.72 19.86
CA GLU A 105 -2.61 -2.35 20.31
C GLU A 105 -1.25 -1.94 20.92
N ARG A 106 -0.69 -2.77 21.80
CA ARG A 106 0.69 -2.58 22.21
C ARG A 106 1.66 -2.35 21.01
N VAL A 107 1.72 -3.32 20.10
CA VAL A 107 2.57 -3.27 18.92
C VAL A 107 2.36 -2.07 17.99
N VAL A 108 1.12 -1.69 17.72
CA VAL A 108 0.81 -0.43 17.04
C VAL A 108 1.36 0.79 17.80
N ARG A 109 1.09 0.84 19.09
CA ARG A 109 1.57 1.92 20.01
C ARG A 109 3.11 2.06 19.97
N ALA A 110 3.82 0.93 20.02
CA ALA A 110 5.25 0.95 20.02
C ALA A 110 5.75 1.37 18.63
N HIS A 111 5.10 0.87 17.58
CA HIS A 111 5.45 1.26 16.23
C HIS A 111 5.31 2.80 15.98
N LEU A 112 4.18 3.37 16.40
CA LEU A 112 3.91 4.78 16.26
C LEU A 112 4.86 5.66 17.09
N SER A 113 5.32 5.17 18.24
CA SER A 113 6.26 5.91 19.09
C SER A 113 7.65 6.06 18.46
N VAL A 114 8.19 4.98 17.90
CA VAL A 114 9.42 5.05 17.12
C VAL A 114 9.33 6.11 16.01
N TRP A 115 8.23 6.08 15.28
CA TRP A 115 8.02 6.86 14.09
C TRP A 115 7.70 8.34 14.43
N ASP A 116 6.99 8.60 15.54
CA ASP A 116 6.93 9.99 16.16
C ASP A 116 8.30 10.56 16.55
N ASP A 117 9.18 9.72 17.09
CA ASP A 117 10.53 10.19 17.37
C ASP A 117 11.31 10.53 16.09
N VAL A 118 11.38 9.56 15.19
CA VAL A 118 12.10 9.72 13.92
C VAL A 118 11.57 10.92 13.12
N SER A 119 10.27 10.97 12.90
CA SER A 119 9.66 11.98 12.06
C SER A 119 9.74 13.40 12.60
N SER A 120 10.07 13.51 13.88
CA SER A 120 10.40 14.78 14.54
C SER A 120 11.84 15.23 14.26
N ARG A 121 12.60 14.40 13.54
CA ARG A 121 14.00 14.75 13.21
C ARG A 121 14.10 15.08 11.74
N PRO A 122 14.08 16.39 11.41
CA PRO A 122 14.00 16.86 10.04
C PRO A 122 15.07 16.24 9.15
N ALA A 123 16.30 16.07 9.64
CA ALA A 123 17.36 15.45 8.82
C ALA A 123 17.08 13.97 8.57
N LEU A 124 16.55 13.32 9.61
CA LEU A 124 16.22 11.92 9.57
C LEU A 124 15.01 11.73 8.67
N MSE A 125 14.01 12.59 8.87
CA MSE A 125 12.80 12.58 8.10
C MSE A 125 13.05 12.94 6.63
O MSE A 125 12.33 12.46 5.76
CB MSE A 125 11.76 13.52 8.73
CG MSE A 125 10.30 13.13 8.48
SE MSE A 125 10.14 11.23 8.79
CE MSE A 125 9.21 10.66 7.09
N THR A 126 14.07 13.79 6.35
CA THR A 126 14.46 14.06 4.97
C THR A 126 15.13 12.86 4.31
N MSE A 127 15.97 12.17 5.07
CA MSE A 127 16.58 10.93 4.60
C MSE A 127 15.52 9.93 4.20
O MSE A 127 15.68 9.21 3.22
CB MSE A 127 17.46 10.33 5.67
CG MSE A 127 18.79 11.01 5.82
SE MSE A 127 19.81 10.24 7.29
CE MSE A 127 19.99 8.22 6.70
N VAL A 128 14.44 9.88 4.99
CA VAL A 128 13.38 8.89 4.78
C VAL A 128 12.58 9.29 3.53
N ARG A 129 12.20 10.58 3.44
CA ARG A 129 11.51 11.13 2.27
C ARG A 129 12.38 11.27 0.99
N SER A 130 13.71 11.32 1.15
CA SER A 130 14.66 11.03 0.04
C SER A 130 14.90 9.51 -0.23
N ALA A 138 13.96 3.37 0.01
CA ALA A 138 12.52 3.27 0.27
C ALA A 138 12.05 1.81 0.28
N ALA A 139 12.52 1.03 -0.72
CA ALA A 139 12.25 -0.41 -0.81
C ALA A 139 13.17 -1.28 0.08
N ARG A 140 14.50 -1.08 -0.03
CA ARG A 140 15.52 -1.70 0.87
C ARG A 140 15.26 -1.46 2.37
N LEU A 141 14.72 -0.29 2.71
CA LEU A 141 14.35 0.03 4.08
C LEU A 141 13.06 -0.70 4.44
N ARG A 142 12.11 -0.74 3.51
CA ARG A 142 10.86 -1.50 3.66
CA ARG A 142 10.87 -1.50 3.71
C ARG A 142 11.17 -3.01 3.84
N GLU A 143 12.15 -3.50 3.09
CA GLU A 143 12.60 -4.88 3.24
C GLU A 143 13.31 -5.09 4.59
N THR A 144 14.18 -4.16 4.99
CA THR A 144 14.83 -4.25 6.28
C THR A 144 13.79 -4.29 7.41
N ALA A 145 12.82 -3.38 7.32
CA ALA A 145 11.73 -3.24 8.27
C ALA A 145 10.85 -4.49 8.34
N THR A 146 10.39 -5.01 7.21
CA THR A 146 9.64 -6.29 7.27
C THR A 146 10.45 -7.43 7.91
N GLY A 147 11.73 -7.50 7.63
CA GLY A 147 12.53 -8.55 8.24
C GLY A 147 12.55 -8.42 9.75
N ILE A 148 12.91 -7.24 10.23
CA ILE A 148 12.89 -6.93 11.68
C ILE A 148 11.57 -7.29 12.32
N LEU A 149 10.49 -6.84 11.69
CA LEU A 149 9.15 -7.09 12.23
C LEU A 149 8.80 -8.57 12.26
N ALA A 150 9.08 -9.28 11.17
CA ALA A 150 8.85 -10.73 11.15
C ALA A 150 9.65 -11.48 12.22
N ARG A 151 10.91 -11.10 12.48
CA ARG A 151 11.67 -11.72 13.57
C ARG A 151 11.20 -11.32 15.01
N ALA A 152 10.83 -10.07 15.22
CA ALA A 152 10.31 -9.66 16.53
C ALA A 152 8.96 -10.32 16.91
N LEU A 153 8.18 -10.70 15.90
CA LEU A 153 6.81 -11.14 16.10
C LEU A 153 6.56 -12.62 15.82
N GLY A 154 7.55 -13.27 15.18
CA GLY A 154 7.35 -14.60 14.63
C GLY A 154 7.34 -15.71 15.67
N GLY A 155 7.49 -15.33 16.94
CA GLY A 155 7.35 -16.26 18.02
C GLY A 155 6.25 -15.79 18.96
N VAL A 156 5.14 -15.34 18.40
CA VAL A 156 3.94 -15.01 19.20
C VAL A 156 2.71 -15.32 18.35
N ILE A 157 2.85 -15.25 17.02
CA ILE A 157 1.74 -15.69 16.18
C ILE A 157 1.97 -17.20 16.06
N THR A 158 0.99 -18.00 16.49
CA THR A 158 1.26 -19.39 16.76
C THR A 158 0.56 -20.50 15.99
N GLY A 159 -0.67 -20.31 15.52
CA GLY A 159 -1.42 -21.50 15.02
C GLY A 159 -1.20 -21.82 13.55
N GLU A 160 -2.31 -22.12 12.88
CA GLU A 160 -2.44 -22.26 11.46
C GLU A 160 -1.87 -21.04 10.73
N ASP A 161 -1.03 -21.31 9.73
CA ASP A 161 -0.48 -20.27 8.84
C ASP A 161 0.17 -19.09 9.59
N ALA A 162 0.96 -19.39 10.61
CA ALA A 162 1.55 -18.36 11.48
C ALA A 162 2.57 -17.53 10.71
N MSE A 163 3.24 -18.12 9.72
CA MSE A 163 4.19 -17.37 8.89
C MSE A 163 3.50 -16.35 8.00
O MSE A 163 3.96 -15.24 7.91
CB MSE A 163 5.09 -18.30 8.03
CG MSE A 163 6.02 -19.12 8.87
SE MSE A 163 7.70 -19.73 8.06
CE MSE A 163 7.19 -20.92 6.74
N LEU A 164 2.37 -16.73 7.39
CA LEU A 164 1.61 -15.82 6.58
C LEU A 164 1.08 -14.67 7.43
N ARG A 165 0.59 -15.01 8.61
CA ARG A 165 -0.04 -14.06 9.51
C ARG A 165 0.96 -13.03 10.08
N THR A 166 2.19 -13.49 10.40
CA THR A 166 3.27 -12.62 10.79
C THR A 166 3.64 -11.67 9.62
N SER A 167 3.70 -12.19 8.38
CA SER A 167 4.04 -11.33 7.22
C SER A 167 2.91 -10.30 6.94
N MSE A 168 1.65 -10.62 7.28
CA MSE A 168 0.53 -9.69 7.30
C MSE A 168 0.60 -8.67 8.42
O MSE A 168 0.17 -7.55 8.23
CB MSE A 168 -0.80 -10.43 7.43
CG MSE A 168 -1.10 -11.35 6.19
SE MSE A 168 -2.65 -12.50 6.49
CE MSE A 168 -2.76 -13.12 4.78
N VAL A 169 1.08 -9.02 9.60
CA VAL A 169 1.22 -8.00 10.64
C VAL A 169 2.33 -6.99 10.21
N ALA A 170 3.48 -7.52 9.77
CA ALA A 170 4.55 -6.71 9.18
C ALA A 170 4.05 -5.81 8.04
N THR A 171 3.31 -6.37 7.08
CA THR A 171 2.70 -5.60 5.99
C THR A 171 1.82 -4.44 6.57
N GLN A 172 0.98 -4.74 7.59
CA GLN A 172 0.09 -3.73 8.13
C GLN A 172 0.85 -2.61 8.82
N LEU A 173 1.98 -2.92 9.48
CA LEU A 173 2.74 -1.93 10.22
C LEU A 173 3.52 -1.01 9.29
N VAL A 174 4.14 -1.58 8.26
CA VAL A 174 4.76 -0.81 7.22
C VAL A 174 3.78 0.06 6.39
N GLY A 175 2.61 -0.45 6.05
CA GLY A 175 1.59 0.38 5.42
C GLY A 175 1.21 1.59 6.29
N LEU A 176 0.90 1.31 7.56
CA LEU A 176 0.59 2.32 8.58
C LEU A 176 1.60 3.47 8.54
N ALA A 177 2.88 3.14 8.70
CA ALA A 177 3.94 4.12 8.73
C ALA A 177 4.19 4.76 7.37
N MSE A 178 4.07 4.03 6.27
CA MSE A 178 4.12 4.62 4.93
CA MSE A 178 4.13 4.64 4.93
C MSE A 178 3.06 5.74 4.75
O MSE A 178 3.36 6.83 4.23
CB MSE A 178 3.99 3.51 3.87
CB MSE A 178 4.04 3.59 3.81
CG MSE A 178 2.99 3.73 2.76
CG MSE A 178 5.33 2.74 3.62
SE MSE A 178 3.37 2.74 1.10
SE MSE A 178 7.00 3.82 3.57
CE MSE A 178 2.36 0.93 1.52
CE MSE A 178 7.61 3.73 5.51
N MSE A 179 1.82 5.47 5.17
CA MSE A 179 0.73 6.44 4.98
C MSE A 179 0.68 7.52 6.04
O MSE A 179 0.27 8.63 5.76
CB MSE A 179 -0.62 5.72 4.96
CG MSE A 179 -0.79 4.71 3.91
SE MSE A 179 -0.58 5.36 2.06
CE MSE A 179 -1.27 7.16 2.20
N ARG A 180 1.04 7.17 7.28
CA ARG A 180 0.95 8.14 8.36
C ARG A 180 2.13 9.13 8.32
N TYR A 181 3.34 8.61 8.09
CA TYR A 181 4.54 9.42 8.13
C TYR A 181 5.17 9.82 6.80
N VAL A 182 5.12 8.99 5.75
CA VAL A 182 5.72 9.40 4.45
C VAL A 182 4.71 10.04 3.47
N ALA A 183 3.56 9.41 3.26
CA ALA A 183 2.59 9.94 2.29
C ALA A 183 1.56 10.97 2.82
N HIS A 184 1.42 11.13 4.12
CA HIS A 184 0.42 12.07 4.60
C HIS A 184 -1.03 11.75 4.07
N LEU A 185 -1.47 10.51 4.17
CA LEU A 185 -2.85 10.20 3.88
C LEU A 185 -3.72 10.76 5.02
N GLU A 186 -4.66 11.61 4.69
CA GLU A 186 -5.65 12.05 5.65
C GLU A 186 -6.87 11.15 5.59
N PRO A 187 -7.54 10.90 6.74
CA PRO A 187 -7.25 11.45 8.10
C PRO A 187 -6.16 10.80 8.95
N LEU A 188 -5.51 9.76 8.45
CA LEU A 188 -4.50 9.00 9.17
C LEU A 188 -3.33 9.81 9.67
N ALA A 189 -2.76 10.63 8.79
CA ALA A 189 -1.57 11.39 9.19
C ALA A 189 -1.78 12.27 10.46
N SER A 190 -2.99 12.84 10.60
CA SER A 190 -3.25 13.83 11.61
C SER A 190 -3.99 13.27 12.79
N ALA A 191 -4.35 11.99 12.77
CA ALA A 191 -5.09 11.43 13.90
C ALA A 191 -4.18 11.34 15.16
N ASP A 192 -4.84 11.25 16.29
CA ASP A 192 -4.27 11.12 17.61
C ASP A 192 -3.63 9.73 17.69
N THR A 193 -2.55 9.65 18.46
CA THR A 193 -1.89 8.39 18.83
C THR A 193 -2.84 7.33 19.38
N ASP A 194 -3.64 7.71 20.36
CA ASP A 194 -4.50 6.79 21.02
C ASP A 194 -5.58 6.24 20.06
N THR A 195 -6.18 7.15 19.28
CA THR A 195 -7.14 6.83 18.24
C THR A 195 -6.57 5.84 17.24
N VAL A 196 -5.40 6.12 16.68
CA VAL A 196 -4.79 5.25 15.70
C VAL A 196 -4.49 3.86 16.29
N ALA A 197 -3.77 3.81 17.41
CA ALA A 197 -3.53 2.61 18.22
C ALA A 197 -4.77 1.77 18.54
N ARG A 198 -5.79 2.42 19.07
CA ARG A 198 -7.02 1.75 19.39
C ARG A 198 -7.56 1.01 18.16
N HIS A 199 -7.75 1.73 17.05
CA HIS A 199 -8.53 1.23 15.90
C HIS A 199 -7.72 0.26 15.05
N TYR A 200 -6.53 0.68 14.67
CA TYR A 200 -5.64 -0.16 13.90
C TYR A 200 -5.13 -1.34 14.71
N GLY A 201 -4.86 -1.14 16.00
CA GLY A 201 -4.62 -2.23 16.94
C GLY A 201 -5.60 -3.39 16.85
N ARG A 202 -6.91 -3.10 16.64
CA ARG A 202 -7.90 -4.19 16.42
C ARG A 202 -7.59 -5.05 15.22
N ALA A 203 -7.04 -4.41 14.17
CA ALA A 203 -6.84 -5.05 12.89
C ALA A 203 -5.68 -6.02 13.04
N VAL A 204 -4.73 -5.62 13.85
CA VAL A 204 -3.56 -6.46 14.16
C VAL A 204 -3.99 -7.58 15.07
N GLN A 205 -4.89 -7.28 15.99
CA GLN A 205 -5.36 -8.29 16.94
C GLN A 205 -6.08 -9.44 16.23
N ALA A 206 -6.97 -9.11 15.28
CA ALA A 206 -7.62 -10.10 14.40
C ALA A 206 -6.68 -11.06 13.65
N ILE A 207 -5.45 -10.61 13.34
CA ILE A 207 -4.48 -11.44 12.62
C ILE A 207 -3.85 -12.35 13.66
N VAL A 208 -3.48 -11.75 14.78
CA VAL A 208 -2.87 -12.51 15.84
C VAL A 208 -3.76 -13.64 16.36
N THR A 209 -5.03 -13.35 16.65
CA THR A 209 -5.90 -14.37 17.25
C THR A 209 -6.62 -15.24 16.24
N ASP A 210 -6.28 -15.16 14.96
CA ASP A 210 -7.10 -15.81 13.91
C ASP A 210 -6.36 -16.66 12.89
N ARG A 211 -5.69 -17.72 13.36
N GLY B 22 -14.28 4.00 -25.69
CA GLY B 22 -14.07 5.45 -25.84
C GLY B 22 -15.31 6.23 -25.46
N GLY B 23 -16.16 6.51 -26.44
CA GLY B 23 -17.52 6.86 -26.12
C GLY B 23 -18.35 7.34 -27.29
N ARG B 24 -19.31 8.20 -26.95
CA ARG B 24 -20.28 8.75 -27.88
C ARG B 24 -19.91 8.91 -29.41
N ARG B 25 -18.86 9.66 -29.77
CA ARG B 25 -18.71 10.11 -31.18
C ARG B 25 -18.20 9.06 -32.15
N PRO B 26 -18.60 9.16 -33.46
CA PRO B 26 -18.07 8.20 -34.46
C PRO B 26 -16.55 8.37 -34.53
N GLY B 27 -15.82 7.28 -34.66
CA GLY B 27 -14.35 7.31 -34.54
C GLY B 27 -13.67 7.45 -33.16
N GLU B 28 -14.43 7.85 -32.17
CA GLU B 28 -13.87 8.20 -30.84
C GLU B 28 -13.29 7.04 -30.02
N THR B 29 -14.00 5.93 -29.98
CA THR B 29 -13.52 4.72 -29.31
C THR B 29 -12.23 4.23 -29.92
N ARG B 30 -12.17 4.14 -31.22
CA ARG B 30 -10.98 3.71 -31.99
CA ARG B 30 -10.94 3.63 -31.80
C ARG B 30 -9.76 4.59 -31.75
N THR B 31 -10.00 5.91 -31.71
CA THR B 31 -8.97 6.90 -31.46
C THR B 31 -8.46 6.77 -30.02
N ARG B 32 -9.34 6.71 -29.04
CA ARG B 32 -8.99 6.54 -27.63
C ARG B 32 -8.26 5.25 -27.45
N GLU B 33 -8.83 4.13 -27.98
CA GLU B 33 -8.16 2.85 -27.93
C GLU B 33 -6.75 2.92 -28.46
N ALA B 34 -6.57 3.51 -29.66
CA ALA B 34 -5.23 3.68 -30.25
C ALA B 34 -4.28 4.47 -29.29
N ILE B 35 -4.79 5.51 -28.66
CA ILE B 35 -4.00 6.30 -27.75
C ILE B 35 -3.60 5.50 -26.47
N LEU B 36 -4.50 4.71 -25.91
CA LEU B 36 -4.23 3.88 -24.75
C LEU B 36 -3.22 2.75 -24.99
N THR B 37 -3.35 2.07 -26.14
CA THR B 37 -2.44 1.00 -26.59
C THR B 37 -1.00 1.53 -26.67
N ALA B 38 -0.84 2.65 -27.35
CA ALA B 38 0.45 3.30 -27.48
C ALA B 38 1.07 3.81 -26.15
N ALA B 39 0.23 4.28 -25.25
CA ALA B 39 0.67 4.75 -23.98
C ALA B 39 1.22 3.61 -23.11
N ARG B 40 0.54 2.48 -23.08
CA ARG B 40 1.06 1.22 -22.53
C ARG B 40 2.38 0.83 -23.10
N VAL B 41 2.50 0.80 -24.44
CA VAL B 41 3.78 0.46 -25.06
C VAL B 41 4.85 1.44 -24.56
N CYS B 42 4.62 2.74 -24.67
CA CYS B 42 5.58 3.78 -24.34
C CYS B 42 5.92 3.85 -22.87
N PHE B 43 4.90 3.87 -22.02
CA PHE B 43 5.16 3.87 -20.58
C PHE B 43 5.88 2.59 -20.10
N ALA B 44 5.51 1.43 -20.63
CA ALA B 44 6.22 0.21 -20.27
C ALA B 44 7.68 0.22 -20.74
N GLU B 45 7.97 0.89 -21.84
CA GLU B 45 9.35 0.98 -22.34
C GLU B 45 10.30 1.86 -21.51
N ARG B 46 9.78 2.96 -20.96
CA ARG B 46 10.58 4.06 -20.44
C ARG B 46 10.14 4.66 -19.11
N GLY B 47 8.95 4.32 -18.64
CA GLY B 47 8.50 4.89 -17.37
C GLY B 47 7.82 6.24 -17.58
N PHE B 48 7.21 6.73 -16.51
CA PHE B 48 6.33 7.88 -16.60
C PHE B 48 7.11 9.12 -16.98
N ASP B 49 8.25 9.37 -16.33
CA ASP B 49 8.98 10.58 -16.63
C ASP B 49 9.73 10.64 -17.97
N ALA B 50 10.27 9.50 -18.40
CA ALA B 50 11.03 9.41 -19.64
C ALA B 50 10.10 9.36 -20.88
N THR B 51 8.80 9.26 -20.65
CA THR B 51 7.80 9.18 -21.71
C THR B 51 7.09 10.53 -21.91
N SER B 52 7.02 11.01 -23.13
CA SER B 52 6.37 12.31 -23.39
C SER B 52 5.02 12.09 -24.10
N LEU B 53 4.11 13.06 -24.03
CA LEU B 53 2.81 12.86 -24.70
C LEU B 53 3.03 12.87 -26.22
N ARG B 54 4.10 13.51 -26.65
CA ARG B 54 4.45 13.54 -28.05
C ARG B 54 4.87 12.17 -28.60
N ARG B 55 5.71 11.45 -27.88
CA ARG B 55 6.05 10.12 -28.34
C ARG B 55 4.80 9.21 -28.40
N ILE B 56 3.97 9.26 -27.35
CA ILE B 56 2.71 8.52 -27.35
C ILE B 56 1.85 8.93 -28.55
N ALA B 57 1.80 10.23 -28.85
CA ALA B 57 1.00 10.74 -29.95
C ALA B 57 1.46 10.19 -31.28
N GLU B 58 2.77 10.21 -31.51
CA GLU B 58 3.42 9.63 -32.68
C GLU B 58 3.22 8.12 -32.83
N THR B 59 3.38 7.37 -31.74
CA THR B 59 3.16 5.90 -31.80
C THR B 59 1.68 5.61 -32.17
N ALA B 60 0.77 6.48 -31.67
CA ALA B 60 -0.67 6.37 -31.85
C ALA B 60 -1.17 6.85 -33.24
N GLY B 61 -0.35 7.59 -34.00
CA GLY B 61 -0.78 8.14 -35.29
C GLY B 61 -1.65 9.40 -35.15
N VAL B 62 -1.54 10.09 -34.02
CA VAL B 62 -2.19 11.36 -33.79
C VAL B 62 -1.10 12.41 -33.43
N ASP B 63 -1.49 13.44 -32.66
CA ASP B 63 -0.59 14.53 -32.23
C ASP B 63 -0.97 14.99 -30.82
N GLN B 64 -0.01 15.56 -30.14
CA GLN B 64 -0.11 16.01 -28.75
C GLN B 64 -1.42 16.62 -28.40
N SER B 65 -1.87 17.52 -29.27
CA SER B 65 -3.08 18.28 -29.05
C SER B 65 -4.28 17.33 -28.97
N LEU B 66 -4.37 16.33 -29.85
CA LEU B 66 -5.36 15.26 -29.69
C LEU B 66 -5.33 14.60 -28.36
N VAL B 67 -4.17 14.10 -27.96
CA VAL B 67 -3.99 13.45 -26.65
C VAL B 67 -4.39 14.36 -25.48
N HIS B 68 -4.05 15.65 -25.50
CA HIS B 68 -4.49 16.59 -24.43
C HIS B 68 -6.01 16.74 -24.46
N HIS B 69 -6.58 16.75 -25.66
CA HIS B 69 -8.03 16.81 -25.77
C HIS B 69 -8.75 15.62 -25.11
N PHE B 70 -8.31 14.42 -25.37
CA PHE B 70 -9.00 13.23 -24.84
C PHE B 70 -8.66 12.90 -23.38
N TYR B 71 -7.46 13.28 -22.91
CA TYR B 71 -6.93 12.84 -21.60
C TYR B 71 -6.58 13.92 -20.59
N GLY B 72 -6.48 15.16 -21.00
CA GLY B 72 -6.11 16.21 -20.08
C GLY B 72 -4.60 16.22 -19.85
N THR B 73 -4.15 15.38 -18.92
CA THR B 73 -2.76 15.36 -18.45
C THR B 73 -2.15 13.99 -18.71
N LYS B 74 -0.82 13.97 -18.71
CA LYS B 74 -0.03 12.78 -18.84
C LYS B 74 -0.38 11.75 -17.75
N GLU B 75 -0.61 12.28 -16.56
CA GLU B 75 -0.92 11.49 -15.40
C GLU B 75 -2.32 10.83 -15.47
N ASN B 76 -3.30 11.60 -15.95
CA ASN B 76 -4.59 11.02 -16.27
C ASN B 76 -4.46 9.93 -17.32
N LEU B 77 -3.76 10.20 -18.43
CA LEU B 77 -3.38 9.16 -19.39
C LEU B 77 -2.73 7.87 -18.84
N PHE B 78 -1.74 8.03 -17.98
CA PHE B 78 -1.02 6.94 -17.36
C PHE B 78 -1.99 6.05 -16.59
N LEU B 79 -2.81 6.63 -15.72
CA LEU B 79 -3.78 5.88 -14.90
C LEU B 79 -4.81 5.13 -15.67
N GLN B 80 -5.31 5.71 -16.76
CA GLN B 80 -6.14 4.98 -17.74
C GLN B 80 -5.41 3.82 -18.44
N ALA B 81 -4.21 4.08 -18.90
CA ALA B 81 -3.50 3.04 -19.61
C ALA B 81 -3.18 1.89 -18.64
N LEU B 82 -3.06 2.18 -17.36
CA LEU B 82 -2.68 1.20 -16.34
C LEU B 82 -3.79 0.26 -16.06
N GLU B 83 -5.02 0.75 -16.21
CA GLU B 83 -6.28 -0.06 -16.03
C GLU B 83 -6.62 -0.33 -14.60
N LEU B 84 -5.63 -0.72 -13.82
CA LEU B 84 -5.80 -0.97 -12.37
C LEU B 84 -6.75 -0.01 -11.61
N PRO B 85 -6.52 1.32 -11.68
CA PRO B 85 -7.37 2.27 -11.01
C PRO B 85 -8.83 2.07 -11.36
N GLY B 86 -9.18 2.13 -12.65
CA GLY B 86 -10.52 1.75 -13.19
C GLY B 86 -10.98 0.40 -12.68
N LYS B 87 -10.09 -0.63 -12.70
CA LYS B 87 -10.49 -1.98 -12.16
C LYS B 87 -10.72 -2.13 -10.63
N ILE B 88 -9.85 -1.56 -9.83
CA ILE B 88 -10.05 -1.52 -8.41
C ILE B 88 -11.38 -0.88 -8.09
N GLU B 89 -11.63 0.33 -8.61
CA GLU B 89 -12.90 1.03 -8.37
C GLU B 89 -14.11 0.13 -8.65
N GLU B 90 -14.15 -0.49 -9.81
CA GLU B 90 -15.30 -1.30 -10.13
C GLU B 90 -15.44 -2.56 -9.21
N ALA B 91 -14.32 -3.22 -8.90
CA ALA B 91 -14.41 -4.45 -8.12
C ALA B 91 -14.73 -4.20 -6.66
N ILE B 92 -14.18 -3.15 -6.07
CA ILE B 92 -14.44 -2.83 -4.66
C ILE B 92 -15.84 -2.28 -4.48
N THR B 93 -16.28 -1.45 -5.40
CA THR B 93 -17.64 -0.93 -5.39
C THR B 93 -18.71 -2.04 -5.33
N ALA B 94 -18.56 -3.06 -6.19
CA ALA B 94 -19.47 -4.22 -6.23
C ALA B 94 -19.39 -5.14 -5.03
N ALA B 95 -18.19 -5.29 -4.47
CA ALA B 95 -17.98 -6.11 -3.26
C ALA B 95 -18.51 -5.36 -2.03
N ALA B 96 -18.43 -4.04 -2.03
CA ALA B 96 -18.92 -3.20 -0.94
C ALA B 96 -20.44 -3.16 -0.80
N GLN B 97 -21.14 -3.89 -1.68
CA GLN B 97 -22.59 -4.02 -1.62
C GLN B 97 -22.90 -5.31 -0.84
N GLY B 98 -24.12 -5.41 -0.31
CA GLY B 98 -24.48 -6.60 0.45
C GLY B 98 -24.28 -6.35 1.94
N GLY B 99 -24.22 -7.44 2.70
CA GLY B 99 -24.19 -7.33 4.13
C GLY B 99 -22.83 -7.08 4.70
N LEU B 100 -22.83 -6.39 5.83
CA LEU B 100 -21.62 -6.21 6.61
C LEU B 100 -20.98 -7.54 7.00
N ASP B 101 -21.75 -8.63 7.00
CA ASP B 101 -21.15 -9.92 7.36
C ASP B 101 -20.36 -10.56 6.18
N GLY B 102 -19.07 -10.72 6.40
CA GLY B 102 -18.19 -11.23 5.39
C GLY B 102 -17.71 -10.13 4.46
N ILE B 103 -17.92 -8.87 4.83
CA ILE B 103 -17.56 -7.77 3.93
C ILE B 103 -16.08 -7.56 3.77
N GLY B 104 -15.33 -7.57 4.88
CA GLY B 104 -13.90 -7.60 4.88
C GLY B 104 -13.32 -8.55 3.82
N GLU B 105 -13.73 -9.82 3.89
CA GLU B 105 -13.23 -10.85 3.01
C GLU B 105 -13.65 -10.70 1.56
N ARG B 106 -14.91 -10.37 1.27
CA ARG B 106 -15.33 -10.02 -0.10
C ARG B 106 -14.47 -8.93 -0.71
N VAL B 107 -14.25 -7.90 0.06
CA VAL B 107 -13.49 -6.72 -0.36
C VAL B 107 -12.02 -7.09 -0.62
N VAL B 108 -11.43 -7.90 0.23
CA VAL B 108 -10.12 -8.42 -0.03
C VAL B 108 -10.10 -9.37 -1.26
N ARG B 109 -11.05 -10.29 -1.35
CA ARG B 109 -11.11 -11.11 -2.59
C ARG B 109 -11.18 -10.32 -3.87
N ALA B 110 -12.09 -9.34 -3.88
CA ALA B 110 -12.25 -8.48 -5.03
C ALA B 110 -10.93 -7.76 -5.38
N HIS B 111 -10.17 -7.37 -4.38
CA HIS B 111 -8.98 -6.58 -4.64
C HIS B 111 -7.83 -7.46 -5.15
N LEU B 112 -7.69 -8.66 -4.56
CA LEU B 112 -6.74 -9.68 -5.05
C LEU B 112 -7.05 -10.13 -6.45
N SER B 113 -8.34 -10.23 -6.81
CA SER B 113 -8.68 -10.73 -8.13
C SER B 113 -8.25 -9.74 -9.20
N VAL B 114 -8.44 -8.44 -8.92
CA VAL B 114 -7.99 -7.40 -9.82
C VAL B 114 -6.49 -7.48 -10.12
N TRP B 115 -5.69 -7.60 -9.04
CA TRP B 115 -4.23 -7.62 -9.10
C TRP B 115 -3.75 -8.91 -9.71
N ASP B 116 -4.42 -10.03 -9.38
CA ASP B 116 -4.22 -11.29 -10.16
C ASP B 116 -4.51 -11.13 -11.67
N ASP B 117 -5.62 -10.51 -12.05
CA ASP B 117 -5.83 -10.15 -13.46
C ASP B 117 -4.61 -9.38 -13.98
N VAL B 118 -4.39 -8.20 -13.45
CA VAL B 118 -3.33 -7.32 -13.95
C VAL B 118 -1.90 -7.91 -13.93
N SER B 119 -1.56 -8.70 -12.92
CA SER B 119 -0.23 -9.30 -12.82
C SER B 119 -0.04 -10.45 -13.83
N SER B 120 -1.14 -10.93 -14.41
CA SER B 120 -1.06 -11.72 -15.66
C SER B 120 -0.33 -10.96 -16.81
N ARG B 121 -0.26 -9.63 -16.71
CA ARG B 121 0.03 -8.83 -17.89
C ARG B 121 1.36 -8.07 -17.83
N PRO B 122 2.33 -8.54 -18.62
CA PRO B 122 3.72 -8.11 -18.45
C PRO B 122 3.82 -6.60 -18.62
N ALA B 123 3.11 -6.07 -19.60
CA ALA B 123 3.17 -4.65 -19.95
C ALA B 123 2.61 -3.72 -18.77
N LEU B 124 1.41 -4.04 -18.29
CA LEU B 124 0.88 -3.39 -17.07
C LEU B 124 1.83 -3.58 -15.92
N MSE B 125 2.32 -4.81 -15.74
CA MSE B 125 3.21 -5.15 -14.63
C MSE B 125 4.54 -4.41 -14.68
O MSE B 125 5.12 -4.06 -13.65
CB MSE B 125 3.45 -6.67 -14.55
CG MSE B 125 3.48 -7.24 -13.13
SE MSE B 125 2.13 -6.47 -11.78
CE MSE B 125 3.27 -6.81 -10.33
N THR B 126 5.02 -4.16 -15.89
CA THR B 126 6.23 -3.37 -16.12
C THR B 126 6.02 -1.92 -15.67
N MSE B 127 4.84 -1.35 -15.97
CA MSE B 127 4.41 -0.01 -15.50
C MSE B 127 4.20 0.08 -14.00
O MSE B 127 4.46 1.12 -13.38
CB MSE B 127 3.13 0.44 -16.20
CG MSE B 127 3.22 0.52 -17.69
SE MSE B 127 1.48 0.77 -18.54
CE MSE B 127 0.95 2.47 -17.87
N VAL B 128 3.66 -0.99 -13.40
CA VAL B 128 3.52 -1.01 -11.95
C VAL B 128 4.90 -1.02 -11.29
N ARG B 129 5.76 -1.90 -11.77
CA ARG B 129 7.02 -2.05 -11.08
C ARG B 129 7.84 -0.78 -11.18
N SER B 130 7.86 -0.12 -12.36
CA SER B 130 8.38 1.26 -12.44
C SER B 130 7.65 2.26 -11.48
N ALA B 131 6.31 2.32 -11.55
CA ALA B 131 5.57 3.42 -10.91
C ALA B 131 6.29 4.06 -9.72
N LEU B 141 0.40 6.30 -8.20
CA LEU B 141 -0.52 5.15 -8.17
C LEU B 141 -1.08 4.85 -6.74
N ARG B 142 -0.32 5.10 -5.69
CA ARG B 142 -0.80 4.78 -4.34
C ARG B 142 -1.59 5.88 -3.65
N GLU B 143 -1.34 7.16 -3.97
CA GLU B 143 -2.35 8.21 -3.60
C GLU B 143 -3.62 8.02 -4.41
N THR B 144 -3.45 7.74 -5.70
CA THR B 144 -4.63 7.53 -6.50
C THR B 144 -5.48 6.43 -5.86
N ALA B 145 -4.85 5.29 -5.58
CA ALA B 145 -5.55 4.07 -5.17
C ALA B 145 -6.28 4.22 -3.83
N THR B 146 -5.68 4.90 -2.89
CA THR B 146 -6.34 5.20 -1.62
C THR B 146 -7.54 6.14 -1.75
N GLY B 147 -7.46 7.19 -2.57
CA GLY B 147 -8.67 7.98 -2.84
C GLY B 147 -9.75 7.13 -3.49
N ILE B 148 -9.34 6.30 -4.47
CA ILE B 148 -10.26 5.36 -5.09
C ILE B 148 -10.91 4.43 -4.07
N LEU B 149 -10.13 3.85 -3.17
CA LEU B 149 -10.68 2.88 -2.20
C LEU B 149 -11.56 3.53 -1.12
N ALA B 150 -11.19 4.71 -0.66
CA ALA B 150 -12.04 5.52 0.21
C ALA B 150 -13.43 5.72 -0.43
N ARG B 151 -13.49 6.16 -1.69
CA ARG B 151 -14.80 6.37 -2.35
C ARG B 151 -15.57 5.05 -2.54
N ALA B 152 -14.88 4.00 -2.96
CA ALA B 152 -15.51 2.68 -3.20
C ALA B 152 -16.14 2.07 -1.92
N LEU B 153 -15.52 2.34 -0.78
CA LEU B 153 -15.93 1.81 0.54
C LEU B 153 -16.84 2.78 1.28
N GLY B 154 -17.30 3.79 0.56
CA GLY B 154 -18.21 4.82 1.10
C GLY B 154 -19.50 4.18 1.54
N GLY B 155 -19.90 4.49 2.77
CA GLY B 155 -21.14 3.94 3.36
C GLY B 155 -20.97 2.59 4.01
N VAL B 156 -19.82 1.95 3.82
CA VAL B 156 -19.56 0.65 4.42
C VAL B 156 -19.24 0.84 5.91
N ILE B 157 -18.41 1.84 6.18
CA ILE B 157 -17.94 2.13 7.51
C ILE B 157 -18.73 3.31 8.02
N THR B 158 -19.39 3.05 9.14
CA THR B 158 -20.27 3.98 9.78
C THR B 158 -19.86 3.95 11.26
N GLY B 159 -20.45 4.86 12.05
CA GLY B 159 -20.04 4.98 13.43
C GLY B 159 -18.86 5.92 13.62
N GLU B 160 -18.23 5.73 14.77
CA GLU B 160 -17.18 6.60 15.27
C GLU B 160 -15.92 6.52 14.44
N ASP B 161 -15.32 7.67 14.13
CA ASP B 161 -14.10 7.72 13.29
C ASP B 161 -14.28 6.95 11.98
N ALA B 162 -15.42 7.13 11.31
CA ALA B 162 -15.73 6.40 10.10
C ALA B 162 -14.68 6.65 9.02
N MSE B 163 -14.29 7.91 8.85
CA MSE B 163 -13.36 8.31 7.81
C MSE B 163 -11.89 7.93 8.11
O MSE B 163 -11.16 7.60 7.21
CB MSE B 163 -13.49 9.81 7.51
CG MSE B 163 -12.59 10.33 6.36
SE MSE B 163 -12.58 12.37 6.25
CE MSE B 163 -11.03 12.60 4.73
N LEU B 164 -11.47 8.01 9.38
CA LEU B 164 -10.20 7.45 9.77
C LEU B 164 -10.17 5.96 9.46
N ARG B 165 -11.22 5.28 9.89
CA ARG B 165 -11.27 3.84 9.73
C ARG B 165 -11.27 3.39 8.26
N THR B 166 -11.88 4.19 7.39
CA THR B 166 -11.92 3.96 5.95
C THR B 166 -10.53 4.13 5.30
N SER B 167 -9.78 5.13 5.76
CA SER B 167 -8.41 5.28 5.25
C SER B 167 -7.48 4.09 5.75
N MSE B 168 -7.80 3.52 6.90
CA MSE B 168 -7.10 2.37 7.45
C MSE B 168 -7.35 1.05 6.66
O MSE B 168 -6.44 0.25 6.49
CB MSE B 168 -7.49 2.20 8.91
CG MSE B 168 -6.92 3.19 9.89
SE MSE B 168 -7.65 2.87 11.73
CE MSE B 168 -7.93 0.95 11.61
N VAL B 169 -8.57 0.81 6.22
CA VAL B 169 -8.87 -0.25 5.24
C VAL B 169 -8.11 -0.03 3.93
N ALA B 170 -8.10 1.22 3.43
CA ALA B 170 -7.36 1.58 2.20
C ALA B 170 -5.87 1.30 2.33
N THR B 171 -5.29 1.72 3.43
CA THR B 171 -3.92 1.42 3.76
C THR B 171 -3.61 -0.08 3.76
N GLN B 172 -4.45 -0.88 4.42
CA GLN B 172 -4.34 -2.32 4.42
C GLN B 172 -4.33 -2.98 3.04
N LEU B 173 -5.18 -2.50 2.16
CA LEU B 173 -5.35 -3.07 0.82
C LEU B 173 -4.14 -2.66 -0.01
N VAL B 174 -3.74 -1.39 0.09
CA VAL B 174 -2.56 -0.96 -0.64
C VAL B 174 -1.31 -1.69 -0.15
N GLY B 175 -1.17 -1.87 1.16
CA GLY B 175 -0.04 -2.53 1.75
C GLY B 175 -0.03 -3.97 1.30
N LEU B 176 -1.21 -4.64 1.27
CA LEU B 176 -1.28 -6.02 0.78
C LEU B 176 -0.84 -6.15 -0.68
N ALA B 177 -1.33 -5.24 -1.53
CA ALA B 177 -1.00 -5.27 -2.96
C ALA B 177 0.49 -5.08 -3.20
N MSE B 178 1.11 -4.14 -2.48
N MSE B 178 1.09 -4.12 -2.47
CA MSE B 178 2.53 -3.85 -2.63
CA MSE B 178 2.51 -3.83 -2.53
C MSE B 178 3.44 -5.02 -2.18
C MSE B 178 3.33 -5.09 -2.27
O MSE B 178 4.48 -5.25 -2.77
O MSE B 178 4.16 -5.48 -3.06
CB MSE B 178 2.93 -2.57 -1.89
CB MSE B 178 2.88 -2.76 -1.50
CG MSE B 178 2.33 -1.27 -2.45
CG MSE B 178 4.04 -1.87 -1.90
SE MSE B 178 2.78 -0.89 -4.38
SE MSE B 178 4.64 -0.52 -0.58
CE MSE B 178 1.11 -1.51 -5.19
CE MSE B 178 2.96 0.00 0.33
N MSE B 179 3.04 -5.76 -1.14
CA MSE B 179 3.87 -6.84 -0.67
C MSE B 179 3.64 -8.14 -1.39
O MSE B 179 4.54 -8.89 -1.54
CB MSE B 179 3.63 -7.07 0.85
CG MSE B 179 3.99 -5.91 1.74
SE MSE B 179 5.90 -5.41 1.66
CE MSE B 179 5.67 -3.71 2.84
N ARG B 180 2.40 -8.44 -1.76
CA ARG B 180 2.09 -9.62 -2.50
C ARG B 180 2.58 -9.52 -3.93
N TYR B 181 2.44 -8.37 -4.60
CA TYR B 181 2.71 -8.30 -6.08
C TYR B 181 3.86 -7.43 -6.53
N VAL B 182 4.48 -6.68 -5.64
CA VAL B 182 5.50 -5.72 -6.08
C VAL B 182 6.77 -6.04 -5.36
N ALA B 183 6.77 -5.97 -4.02
CA ALA B 183 7.93 -6.32 -3.25
C ALA B 183 8.12 -7.84 -3.24
N HIS B 184 7.04 -8.60 -3.45
CA HIS B 184 7.12 -10.08 -3.37
C HIS B 184 7.62 -10.63 -1.99
N LEU B 185 7.10 -10.09 -0.90
CA LEU B 185 7.31 -10.66 0.45
C LEU B 185 6.76 -12.08 0.59
N GLU B 186 7.65 -12.97 1.00
CA GLU B 186 7.29 -14.39 1.30
C GLU B 186 7.01 -14.60 2.77
N PRO B 187 6.06 -15.50 3.09
CA PRO B 187 5.28 -16.27 2.10
C PRO B 187 3.97 -15.67 1.56
N LEU B 188 3.67 -14.42 1.89
CA LEU B 188 2.54 -13.70 1.29
C LEU B 188 2.50 -13.76 -0.23
N ALA B 189 3.62 -13.60 -0.91
CA ALA B 189 3.57 -13.56 -2.35
C ALA B 189 3.09 -14.89 -2.95
N SER B 190 3.53 -16.03 -2.41
CA SER B 190 3.22 -17.32 -3.00
C SER B 190 2.06 -18.03 -2.37
N ALA B 191 1.43 -17.45 -1.36
CA ALA B 191 0.26 -18.06 -0.80
C ALA B 191 -0.94 -17.94 -1.75
N ASP B 192 -1.84 -18.91 -1.65
CA ASP B 192 -3.02 -19.02 -2.54
C ASP B 192 -3.96 -17.87 -2.21
N THR B 193 -4.70 -17.41 -3.21
CA THR B 193 -5.50 -16.21 -3.07
C THR B 193 -6.53 -16.47 -1.95
N ASP B 194 -7.00 -17.69 -1.91
CA ASP B 194 -8.04 -18.05 -0.99
C ASP B 194 -7.62 -18.00 0.47
N THR B 195 -6.42 -18.48 0.77
CA THR B 195 -5.89 -18.42 2.10
C THR B 195 -5.66 -16.95 2.50
N VAL B 196 -5.17 -16.13 1.58
CA VAL B 196 -4.83 -14.71 1.85
C VAL B 196 -6.08 -13.91 2.21
N ALA B 197 -7.14 -14.01 1.40
CA ALA B 197 -8.46 -13.40 1.68
C ALA B 197 -9.15 -13.84 3.00
N ARG B 198 -9.15 -15.12 3.28
CA ARG B 198 -9.69 -15.56 4.52
C ARG B 198 -8.97 -14.92 5.67
N HIS B 199 -7.63 -14.94 5.69
CA HIS B 199 -6.90 -14.30 6.82
C HIS B 199 -6.87 -12.77 6.82
N TYR B 200 -6.60 -12.17 5.69
CA TYR B 200 -6.52 -10.71 5.67
C TYR B 200 -7.94 -10.11 5.78
N GLY B 201 -8.95 -10.82 5.28
CA GLY B 201 -10.34 -10.42 5.52
C GLY B 201 -10.74 -10.05 6.93
N ARG B 202 -10.26 -10.83 7.89
CA ARG B 202 -10.48 -10.62 9.33
C ARG B 202 -9.93 -9.31 9.79
N ALA B 203 -8.77 -8.97 9.27
CA ALA B 203 -8.14 -7.71 9.61
C ALA B 203 -9.04 -6.55 9.16
N VAL B 204 -9.65 -6.67 8.00
CA VAL B 204 -10.49 -5.61 7.41
C VAL B 204 -11.85 -5.62 8.10
N GLN B 205 -12.45 -6.80 8.22
CA GLN B 205 -13.66 -7.02 9.05
C GLN B 205 -13.61 -6.36 10.42
N ALA B 206 -12.45 -6.43 11.05
CA ALA B 206 -12.27 -5.85 12.38
C ALA B 206 -12.34 -4.27 12.41
N ILE B 207 -11.89 -3.59 11.36
CA ILE B 207 -12.08 -2.15 11.24
C ILE B 207 -13.55 -1.84 10.95
N VAL B 208 -14.16 -2.60 10.03
CA VAL B 208 -15.61 -2.50 9.72
C VAL B 208 -16.50 -2.65 10.94
N THR B 209 -16.31 -3.71 11.73
CA THR B 209 -17.16 -3.93 12.89
C THR B 209 -16.82 -3.03 14.11
N ASP B 210 -15.63 -2.43 14.10
CA ASP B 210 -15.15 -1.38 15.03
C ASP B 210 -16.09 -0.15 15.12
#